data_9KXM
#
_entry.id   9KXM
#
_cell.length_a   69.110
_cell.length_b   69.110
_cell.length_c   79.140
_cell.angle_alpha   90.00
_cell.angle_beta   90.00
_cell.angle_gamma   120.00
#
_symmetry.space_group_name_H-M   'P 31 2 1'
#
loop_
_entity.id
_entity.type
_entity.pdbx_description
1 polymer 'Peptidyl-prolyl cis-trans isomerase NIMA-interacting 1'
2 non-polymer (1~{S})-1-(1~{H}-benzimidazol-2-yl)ethanol
3 non-polymer 3,6,9,12,15,18,21-HEPTAOXATRICOSANE-1,23-DIOL
4 non-polymer 'SULFATE ION'
5 water water
#
_entity_poly.entity_id   1
_entity_poly.type   'polypeptide(L)'
_entity_poly.pdbx_seq_one_letter_code
;MADEEKLPPGWEKAMSRSSGRVYYFNHITNASQWERPSGNSSSGGKNGQGEPARVRCSHLLVKHSQSRRPSSWRQEKITR
TKEEALELINGYIQKIKSGEEDFESLASQFSDCSSAKARGDLGAFSRGQMQKPFEDASFALRTGEMSGPVFTDSGIHIIL
RTE
;
_entity_poly.pdbx_strand_id   A
#
loop_
_chem_comp.id
_chem_comp.type
_chem_comp.name
_chem_comp.formula
A1ERZ non-polymer (1~{S})-1-(1~{H}-benzimidazol-2-yl)ethanol 'C9 H10 N2 O'
PE8 non-polymer 3,6,9,12,15,18,21-HEPTAOXATRICOSANE-1,23-DIOL 'C16 H34 O9'
SO4 non-polymer 'SULFATE ION' 'O4 S -2'
#
# COMPACT_ATOMS: atom_id res chain seq x y z
N LYS A 6 -19.11 -15.67 1.88
CA LYS A 6 -19.42 -14.62 0.92
C LYS A 6 -18.85 -13.27 1.39
N LEU A 7 -17.64 -12.96 0.95
CA LEU A 7 -16.89 -11.78 1.36
C LEU A 7 -16.56 -10.92 0.15
N PRO A 8 -16.31 -9.63 0.36
CA PRO A 8 -16.02 -8.72 -0.77
C PRO A 8 -14.82 -9.20 -1.58
N PRO A 9 -14.60 -8.64 -2.78
CA PRO A 9 -13.54 -9.12 -3.68
C PRO A 9 -12.17 -9.29 -3.04
N GLY A 10 -11.68 -10.52 -2.96
CA GLY A 10 -10.31 -10.78 -2.56
C GLY A 10 -10.13 -11.14 -1.09
N TRP A 11 -11.19 -11.13 -0.28
CA TRP A 11 -11.09 -11.39 1.15
C TRP A 11 -11.24 -12.87 1.48
N GLU A 12 -10.50 -13.31 2.51
CA GLU A 12 -10.59 -14.70 2.96
C GLU A 12 -10.39 -14.74 4.47
N LYS A 13 -10.88 -15.81 5.09
CA LYS A 13 -10.73 -16.00 6.52
C LYS A 13 -9.38 -16.64 6.82
N ALA A 14 -8.81 -16.27 7.96
CA ALA A 14 -7.56 -16.88 8.40
C ALA A 14 -7.62 -16.99 9.92
N MET A 15 -6.62 -17.66 10.50
CA MET A 15 -6.51 -17.75 11.95
C MET A 15 -5.17 -17.18 12.38
N SER A 16 -5.21 -16.31 13.38
CA SER A 16 -4.00 -15.80 14.01
C SER A 16 -3.16 -16.93 14.59
N ARG A 17 -1.88 -16.98 14.22
CA ARG A 17 -1.00 -17.96 14.83
C ARG A 17 -0.74 -17.65 16.29
N SER A 18 -0.70 -16.37 16.63
CA SER A 18 -0.32 -16.02 17.99
C SER A 18 -1.51 -15.96 18.93
N SER A 19 -2.73 -15.73 18.44
CA SER A 19 -3.89 -15.59 19.28
C SER A 19 -4.97 -16.65 19.08
N GLY A 20 -5.04 -17.29 17.92
CA GLY A 20 -6.13 -18.21 17.63
C GLY A 20 -7.42 -17.56 17.18
N ARG A 21 -7.50 -16.23 17.19
CA ARG A 21 -8.72 -15.56 16.75
C ARG A 21 -8.71 -15.47 15.22
N VAL A 22 -9.90 -15.59 14.62
CA VAL A 22 -10.02 -15.43 13.19
C VAL A 22 -9.71 -13.99 12.82
N TYR A 23 -9.21 -13.81 11.61
CA TYR A 23 -9.03 -12.48 11.06
C TYR A 23 -9.29 -12.60 9.57
N TYR A 24 -9.28 -11.47 8.89
CA TYR A 24 -9.58 -11.42 7.46
C TYR A 24 -8.38 -10.85 6.72
N PHE A 25 -8.04 -11.50 5.62
CA PHE A 25 -6.92 -11.14 4.77
C PHE A 25 -7.42 -10.97 3.35
N ASN A 26 -6.95 -9.94 2.67
CA ASN A 26 -7.28 -9.68 1.28
C ASN A 26 -6.05 -9.98 0.44
N HIS A 27 -6.17 -10.92 -0.51
CA HIS A 27 -4.97 -11.32 -1.25
C HIS A 27 -4.68 -10.40 -2.43
N ILE A 28 -5.57 -9.46 -2.75
CA ILE A 28 -5.27 -8.45 -3.76
C ILE A 28 -4.59 -7.24 -3.14
N THR A 29 -5.02 -6.81 -1.95
CA THR A 29 -4.47 -5.62 -1.33
C THR A 29 -3.43 -5.91 -0.26
N ASN A 30 -3.32 -7.17 0.17
CA ASN A 30 -2.52 -7.57 1.33
C ASN A 30 -2.98 -6.89 2.62
N ALA A 31 -4.19 -6.34 2.66
CA ALA A 31 -4.73 -5.85 3.90
C ALA A 31 -5.08 -7.02 4.81
N SER A 32 -4.95 -6.79 6.11
CA SER A 32 -5.41 -7.76 7.09
C SER A 32 -6.01 -7.01 8.25
N GLN A 33 -7.08 -7.58 8.82
CA GLN A 33 -7.80 -6.94 9.90
C GLN A 33 -8.61 -7.99 10.66
N TRP A 34 -8.97 -7.64 11.89
CA TRP A 34 -9.76 -8.56 12.71
C TRP A 34 -11.23 -8.57 12.29
N GLU A 35 -11.78 -7.42 11.90
CA GLU A 35 -13.21 -7.30 11.66
C GLU A 35 -13.62 -7.80 10.27
N ARG A 36 -14.85 -8.34 10.20
CA ARG A 36 -15.39 -8.88 8.94
C ARG A 36 -15.57 -7.76 7.92
N PRO A 37 -15.01 -7.89 6.72
CA PRO A 37 -15.04 -6.77 5.76
C PRO A 37 -16.45 -6.33 5.38
N SER A 38 -16.62 -5.02 5.21
CA SER A 38 -17.88 -4.49 4.72
C SER A 38 -18.08 -4.87 3.26
N GLY A 39 -19.24 -5.48 2.97
CA GLY A 39 -19.58 -5.88 1.61
C GLY A 39 -19.94 -7.34 1.50
N GLU A 51 -17.84 -1.90 -10.04
CA GLU A 51 -16.66 -1.12 -9.65
C GLU A 51 -16.60 0.19 -10.44
N PRO A 52 -16.08 1.25 -9.82
CA PRO A 52 -16.11 2.56 -10.46
C PRO A 52 -15.14 2.65 -11.62
N ALA A 53 -15.44 3.59 -12.53
CA ALA A 53 -14.54 3.85 -13.64
C ALA A 53 -13.18 4.34 -13.17
N ARG A 54 -13.14 5.10 -12.09
CA ARG A 54 -11.88 5.67 -11.63
C ARG A 54 -11.83 5.61 -10.11
N VAL A 55 -10.61 5.52 -9.58
CA VAL A 55 -10.39 5.71 -8.16
C VAL A 55 -9.31 6.76 -8.01
N ARG A 56 -9.24 7.33 -6.81
CA ARG A 56 -8.17 8.22 -6.43
C ARG A 56 -7.43 7.60 -5.26
N CYS A 57 -6.11 7.56 -5.36
CA CYS A 57 -5.30 6.94 -4.31
C CYS A 57 -4.09 7.82 -4.03
N SER A 58 -3.62 7.72 -2.80
CA SER A 58 -2.28 8.12 -2.40
C SER A 58 -1.45 6.87 -2.15
N HIS A 59 -0.14 7.03 -2.16
CA HIS A 59 0.71 5.89 -1.83
C HIS A 59 1.99 6.39 -1.20
N LEU A 60 2.62 5.47 -0.49
CA LEU A 60 3.96 5.60 0.04
C LEU A 60 4.80 4.50 -0.57
N LEU A 61 5.83 4.88 -1.31
CA LEU A 61 6.67 3.93 -2.01
C LEU A 61 7.99 3.83 -1.26
N VAL A 62 8.44 2.62 -1.04
CA VAL A 62 9.79 2.35 -0.57
C VAL A 62 10.46 1.55 -1.67
N LYS A 63 11.47 2.14 -2.27
CA LYS A 63 12.20 1.47 -3.33
C LYS A 63 13.27 0.59 -2.74
N HIS A 64 13.83 -0.26 -3.58
CA HIS A 64 14.90 -1.16 -3.16
C HIS A 64 15.83 -1.34 -4.35
N SER A 65 16.91 -2.09 -4.11
CA SER A 65 17.95 -2.21 -5.12
C SER A 65 17.49 -2.85 -6.42
N GLN A 66 16.41 -3.66 -6.39
CA GLN A 66 15.88 -4.25 -7.62
C GLN A 66 14.73 -3.44 -8.21
N SER A 67 14.47 -2.24 -7.67
CA SER A 67 13.46 -1.39 -8.26
C SER A 67 13.85 -1.04 -9.69
N ARG A 68 12.84 -0.85 -10.54
CA ARG A 68 13.11 -0.48 -11.94
C ARG A 68 14.05 0.71 -12.06
N ARG A 69 13.87 1.73 -11.23
CA ARG A 69 14.84 2.82 -11.11
C ARG A 69 15.24 2.94 -9.64
N PRO A 70 16.40 2.39 -9.27
CA PRO A 70 16.83 2.46 -7.85
C PRO A 70 17.37 3.84 -7.48
N SER A 71 16.50 4.84 -7.60
CA SER A 71 16.85 6.23 -7.34
C SER A 71 15.56 6.97 -7.02
N SER A 72 15.67 8.02 -6.21
CA SER A 72 14.52 8.85 -5.87
C SER A 72 15.00 10.21 -5.40
N TRP A 73 14.04 11.10 -5.11
CA TRP A 73 14.38 12.40 -4.55
C TRP A 73 15.05 12.28 -3.19
N ARG A 74 14.86 11.16 -2.48
CA ARG A 74 15.46 11.00 -1.17
C ARG A 74 16.91 10.55 -1.24
N GLN A 75 17.28 9.88 -2.33
CA GLN A 75 18.51 9.10 -2.38
C GLN A 75 18.91 8.92 -3.83
N GLU A 76 20.10 9.39 -4.18
CA GLU A 76 20.55 9.24 -5.56
C GLU A 76 20.73 7.78 -5.92
N LYS A 77 21.31 6.99 -5.01
CA LYS A 77 21.47 5.55 -5.17
C LYS A 77 20.73 4.83 -4.04
N ILE A 78 19.61 4.21 -4.38
CA ILE A 78 18.89 3.38 -3.43
C ILE A 78 19.55 2.01 -3.40
N THR A 79 20.09 1.65 -2.24
CA THR A 79 20.87 0.44 -2.06
C THR A 79 20.21 -0.60 -1.17
N ARG A 80 19.14 -0.24 -0.46
CA ARG A 80 18.49 -1.20 0.45
C ARG A 80 17.92 -2.38 -0.31
N THR A 81 17.91 -3.54 0.35
CA THR A 81 17.36 -4.76 -0.21
C THR A 81 15.83 -4.75 -0.16
N LYS A 82 15.23 -5.62 -0.97
CA LYS A 82 13.78 -5.80 -0.94
C LYS A 82 13.29 -6.13 0.46
N GLU A 83 14.00 -7.02 1.17
CA GLU A 83 13.61 -7.40 2.52
C GLU A 83 13.69 -6.19 3.46
N GLU A 84 14.72 -5.36 3.30
CA GLU A 84 14.83 -4.16 4.12
C GLU A 84 13.71 -3.17 3.77
N ALA A 85 13.40 -3.03 2.48
CA ALA A 85 12.28 -2.17 2.08
C ALA A 85 10.98 -2.66 2.68
N LEU A 86 10.76 -3.98 2.68
CA LEU A 86 9.52 -4.51 3.25
C LEU A 86 9.43 -4.25 4.75
N GLU A 87 10.57 -4.27 5.45
CA GLU A 87 10.51 -4.03 6.89
C GLU A 87 10.18 -2.57 7.17
N LEU A 88 10.74 -1.66 6.37
CA LEU A 88 10.35 -0.25 6.49
C LEU A 88 8.84 -0.10 6.25
N ILE A 89 8.34 -0.69 5.17
CA ILE A 89 6.90 -0.65 4.89
C ILE A 89 6.11 -1.19 6.08
N ASN A 90 6.53 -2.32 6.63
CA ASN A 90 5.82 -2.91 7.75
C ASN A 90 5.77 -1.95 8.93
N GLY A 91 6.87 -1.26 9.21
CA GLY A 91 6.88 -0.33 10.33
C GLY A 91 6.02 0.89 10.08
N TYR A 92 5.99 1.39 8.85
CA TYR A 92 5.07 2.49 8.55
C TYR A 92 3.63 2.05 8.76
N ILE A 93 3.27 0.87 8.26
CA ILE A 93 1.91 0.41 8.45
C ILE A 93 1.59 0.33 9.94
N GLN A 94 2.50 -0.21 10.73
CA GLN A 94 2.25 -0.33 12.17
C GLN A 94 1.96 1.03 12.81
N LYS A 95 2.73 2.04 12.45
CA LYS A 95 2.53 3.35 13.05
C LYS A 95 1.27 4.04 12.54
N ILE A 96 0.90 3.80 11.28
CA ILE A 96 -0.38 4.31 10.77
C ILE A 96 -1.55 3.69 11.53
N LYS A 97 -1.50 2.36 11.72
CA LYS A 97 -2.60 1.65 12.36
C LYS A 97 -2.68 1.98 13.83
N SER A 98 -1.54 2.28 14.46
CA SER A 98 -1.60 2.64 15.86
C SER A 98 -2.01 4.09 16.07
N GLY A 99 -2.05 4.89 15.01
CA GLY A 99 -2.29 6.30 15.13
C GLY A 99 -1.07 7.11 15.50
N GLU A 100 0.08 6.47 15.69
CA GLU A 100 1.28 7.19 16.09
C GLU A 100 1.73 8.15 15.01
N GLU A 101 1.45 7.82 13.75
CA GLU A 101 1.79 8.66 12.62
C GLU A 101 0.62 8.63 11.66
N ASP A 102 0.51 9.67 10.84
CA ASP A 102 -0.49 9.73 9.78
C ASP A 102 0.12 9.26 8.46
N PHE A 103 -0.67 8.54 7.66
CA PHE A 103 -0.24 8.16 6.32
C PHE A 103 0.39 9.32 5.57
N GLU A 104 -0.31 10.45 5.55
CA GLU A 104 0.13 11.59 4.74
C GLU A 104 1.47 12.12 5.21
N SER A 105 1.68 12.11 6.52
CA SER A 105 2.95 12.53 7.10
C SER A 105 4.08 11.59 6.70
N LEU A 106 3.87 10.28 6.86
CA LEU A 106 4.90 9.33 6.47
C LEU A 106 5.15 9.38 4.97
N ALA A 107 4.09 9.56 4.17
CA ALA A 107 4.32 9.62 2.74
C ALA A 107 5.18 10.83 2.40
N SER A 108 4.81 12.01 2.95
CA SER A 108 5.57 13.22 2.64
C SER A 108 7.04 13.08 3.02
N GLN A 109 7.31 12.42 4.14
CA GLN A 109 8.67 12.33 4.65
C GLN A 109 9.48 11.21 4.03
N PHE A 110 8.88 10.09 3.71
CA PHE A 110 9.65 8.89 3.42
C PHE A 110 9.33 8.21 2.10
N SER A 111 8.31 8.64 1.35
CA SER A 111 8.03 7.95 0.10
C SER A 111 9.10 8.26 -0.94
N ASP A 112 9.56 7.21 -1.64
CA ASP A 112 10.54 7.34 -2.71
C ASP A 112 9.90 7.71 -4.02
N CYS A 113 8.65 8.11 -4.00
CA CYS A 113 7.96 8.62 -5.17
C CYS A 113 7.90 10.14 -5.10
N SER A 114 7.95 10.78 -6.26
CA SER A 114 7.86 12.24 -6.31
C SER A 114 6.51 12.73 -5.79
N SER A 115 5.50 11.86 -5.75
CA SER A 115 4.22 12.25 -5.17
C SER A 115 4.31 12.49 -3.67
N ALA A 116 5.46 12.17 -3.04
CA ALA A 116 5.72 12.58 -1.66
C ALA A 116 5.40 14.04 -1.42
N LYS A 117 5.69 14.90 -2.40
CA LYS A 117 5.49 16.33 -2.25
C LYS A 117 4.01 16.72 -2.20
N ALA A 118 3.12 15.81 -2.63
CA ALA A 118 1.68 15.98 -2.51
C ALA A 118 1.08 15.01 -1.49
N ARG A 119 1.82 14.75 -0.41
CA ARG A 119 1.40 13.81 0.64
C ARG A 119 1.02 12.45 0.05
N GLY A 120 1.70 12.06 -1.04
CA GLY A 120 1.50 10.77 -1.67
C GLY A 120 0.36 10.72 -2.67
N ASP A 121 -0.41 11.80 -2.82
CA ASP A 121 -1.53 11.80 -3.75
C ASP A 121 -1.08 11.64 -5.20
N LEU A 122 -1.72 10.68 -5.87
CA LEU A 122 -1.54 10.41 -7.29
C LEU A 122 -2.68 10.92 -8.14
N GLY A 123 -3.73 11.48 -7.53
CA GLY A 123 -4.89 11.86 -8.30
C GLY A 123 -5.69 10.64 -8.73
N ALA A 124 -6.66 10.89 -9.59
CA ALA A 124 -7.57 9.84 -10.04
C ALA A 124 -6.98 9.14 -11.25
N PHE A 125 -7.34 7.87 -11.40
CA PHE A 125 -6.86 7.07 -12.51
C PHE A 125 -7.85 5.95 -12.81
N SER A 126 -7.75 5.43 -14.03
CA SER A 126 -8.56 4.33 -14.52
C SER A 126 -7.76 3.04 -14.54
N ARG A 127 -8.44 1.95 -14.87
CA ARG A 127 -7.74 0.71 -15.16
C ARG A 127 -6.91 0.87 -16.43
N GLY A 128 -5.73 0.23 -16.44
CA GLY A 128 -4.83 0.29 -17.57
C GLY A 128 -3.73 1.33 -17.45
N GLN A 129 -3.81 2.24 -16.49
CA GLN A 129 -2.81 3.31 -16.39
C GLN A 129 -1.64 2.97 -15.47
N MET A 130 -1.90 2.31 -14.34
CA MET A 130 -0.85 2.01 -13.38
CA MET A 130 -0.86 2.00 -13.37
C MET A 130 -0.32 0.59 -13.58
N GLN A 131 0.80 0.32 -12.91
CA GLN A 131 1.31 -1.05 -12.87
C GLN A 131 0.26 -1.97 -12.27
N LYS A 132 0.10 -3.15 -12.87
CA LYS A 132 -1.07 -3.96 -12.57
C LYS A 132 -1.27 -4.29 -11.09
N PRO A 133 -0.26 -4.67 -10.30
CA PRO A 133 -0.55 -4.99 -8.89
C PRO A 133 -1.05 -3.78 -8.13
N PHE A 134 -0.50 -2.61 -8.46
CA PHE A 134 -1.00 -1.36 -7.91
C PHE A 134 -2.45 -1.12 -8.29
N GLU A 135 -2.75 -1.23 -9.59
CA GLU A 135 -4.13 -1.02 -10.04
C GLU A 135 -5.11 -1.96 -9.35
N ASP A 136 -4.78 -3.27 -9.34
CA ASP A 136 -5.70 -4.24 -8.75
C ASP A 136 -5.96 -3.94 -7.29
N ALA A 137 -4.91 -3.57 -6.56
CA ALA A 137 -5.09 -3.27 -5.14
C ALA A 137 -5.90 -2.00 -4.97
N SER A 138 -5.63 -0.99 -5.80
CA SER A 138 -6.36 0.26 -5.69
C SER A 138 -7.85 0.06 -5.87
N PHE A 139 -8.23 -0.73 -6.87
CA PHE A 139 -9.65 -0.92 -7.16
C PHE A 139 -10.32 -1.91 -6.21
N ALA A 140 -9.56 -2.77 -5.54
CA ALA A 140 -10.15 -3.65 -4.53
C ALA A 140 -10.27 -2.97 -3.17
N LEU A 141 -9.59 -1.86 -2.96
CA LEU A 141 -9.72 -1.12 -1.74
C LEU A 141 -11.08 -0.43 -1.74
N ARG A 142 -11.69 -0.34 -0.58
CA ARG A 142 -12.90 0.46 -0.48
C ARG A 142 -12.47 1.91 -0.23
N THR A 143 -13.37 2.85 -0.48
CA THR A 143 -13.01 4.24 -0.24
C THR A 143 -12.66 4.43 1.24
N GLY A 144 -11.48 5.01 1.49
CA GLY A 144 -10.99 5.17 2.84
C GLY A 144 -10.11 4.06 3.33
N GLU A 145 -10.05 2.93 2.63
CA GLU A 145 -9.26 1.79 3.08
C GLU A 145 -7.82 1.91 2.65
N MET A 146 -6.95 1.18 3.36
CA MET A 146 -5.52 1.18 3.11
C MET A 146 -5.04 -0.25 2.83
N SER A 147 -4.08 -0.35 1.91
CA SER A 147 -3.52 -1.65 1.56
C SER A 147 -2.49 -2.11 2.58
N GLY A 148 -2.14 -3.39 2.50
CA GLY A 148 -0.89 -3.86 3.08
C GLY A 148 0.21 -3.59 2.07
N PRO A 149 1.35 -4.24 2.23
CA PRO A 149 2.44 -4.08 1.25
C PRO A 149 2.01 -4.60 -0.12
N VAL A 150 2.12 -3.74 -1.15
CA VAL A 150 1.81 -4.10 -2.52
C VAL A 150 3.10 -3.98 -3.33
N PHE A 151 3.46 -5.05 -4.02
CA PHE A 151 4.74 -5.15 -4.72
C PHE A 151 4.55 -4.82 -6.19
N THR A 152 5.39 -3.92 -6.71
CA THR A 152 5.45 -3.68 -8.15
C THR A 152 6.89 -3.61 -8.57
N ASP A 153 7.11 -3.34 -9.86
CA ASP A 153 8.47 -3.13 -10.32
C ASP A 153 9.10 -1.87 -9.72
N SER A 154 8.29 -0.92 -9.24
CA SER A 154 8.89 0.28 -8.62
C SER A 154 9.47 0.00 -7.25
N GLY A 155 8.91 -0.96 -6.53
CA GLY A 155 9.23 -1.12 -5.13
C GLY A 155 8.04 -1.68 -4.40
N ILE A 156 7.86 -1.23 -3.16
CA ILE A 156 6.80 -1.74 -2.30
C ILE A 156 5.94 -0.54 -1.88
N HIS A 157 4.63 -0.67 -2.01
CA HIS A 157 3.68 0.42 -1.81
C HIS A 157 2.78 0.17 -0.60
N ILE A 158 2.47 1.25 0.10
CA ILE A 158 1.27 1.36 0.93
C ILE A 158 0.30 2.25 0.16
N ILE A 159 -0.90 1.74 -0.13
CA ILE A 159 -1.88 2.46 -0.93
C ILE A 159 -3.07 2.85 -0.07
N LEU A 160 -3.46 4.12 -0.17
CA LEU A 160 -4.64 4.63 0.51
C LEU A 160 -5.62 5.09 -0.56
N ARG A 161 -6.77 4.44 -0.64
CA ARG A 161 -7.80 4.88 -1.57
C ARG A 161 -8.57 6.02 -0.94
N THR A 162 -8.53 7.21 -1.55
CA THR A 162 -9.21 8.37 -1.01
C THR A 162 -10.53 8.66 -1.70
N GLU A 163 -10.71 8.23 -2.94
CA GLU A 163 -11.98 8.42 -3.63
C GLU A 163 -12.29 7.23 -4.50
N1 A1ERZ B . -0.99 6.72 18.72
C4 A1ERZ B . 0.28 6.44 19.24
C5 A1ERZ B . 0.79 7.58 19.83
C6 A1ERZ B . 2.04 7.60 20.43
C7 A1ERZ B . 2.76 6.42 20.42
C8 A1ERZ B . 2.25 5.26 19.82
C1 A1ERZ B . -2.84 9.77 19.65
C2 A1ERZ B . -2.45 8.73 18.62
C3 A1ERZ B . -1.22 7.98 19.01
C9 A1ERZ B . 1.02 5.25 19.23
N2 A1ERZ B . -0.17 8.54 19.66
O1 A1ERZ B . -3.50 7.78 18.41
O1 PE8 C . -3.96 -3.81 6.71
C2 PE8 C . -2.69 -3.57 6.14
C3 PE8 C . -1.67 -4.55 6.63
O4 PE8 C . -1.57 -4.45 8.05
C5 PE8 C . -0.60 -5.34 8.59
C6 PE8 C . -0.38 -5.01 10.04
O7 PE8 C . -1.63 -5.00 10.73
C8 PE8 C . -1.46 -4.96 12.15
C9 PE8 C . -2.80 -5.03 12.80
O10 PE8 C . -3.43 -6.25 12.38
C11 PE8 C . -4.72 -6.42 12.95
C12 PE8 C . -5.30 -7.72 12.48
O13 PE8 C . -4.38 -8.78 12.76
C14 PE8 C . -4.89 -10.05 12.36
C15 PE8 C . -3.79 -11.06 12.32
O16 PE8 C . -2.80 -10.63 11.41
C17 PE8 C . -1.83 -11.64 11.15
C18 PE8 C . -0.50 -11.01 10.84
O19 PE8 C . -0.22 -11.01 9.45
C20 PE8 C . -0.23 -9.70 8.87
C21 PE8 C . 0.63 -8.77 9.66
O22 PE8 C . 2.01 -9.08 9.52
C23 PE8 C . 2.63 -8.39 8.43
C24 PE8 C . 4.12 -8.51 8.53
O25 PE8 C . 4.64 -7.84 9.66
S SO4 D . -17.05 2.80 -2.19
O1 SO4 D . -18.23 1.95 -2.28
O2 SO4 D . -16.13 2.48 -3.27
O3 SO4 D . -17.47 4.21 -2.32
O4 SO4 D . -16.39 2.58 -0.92
S SO4 E . 10.43 3.92 -10.73
O1 SO4 E . 9.00 3.67 -10.56
O2 SO4 E . 11.26 2.83 -10.22
O3 SO4 E . 10.53 3.99 -12.20
O4 SO4 E . 10.80 5.17 -10.11
#